data_5HIQ
#
_entry.id   5HIQ
#
_cell.length_a   60.880
_cell.length_b   60.880
_cell.length_c   146.212
_cell.angle_alpha   90.000
_cell.angle_beta   90.000
_cell.angle_gamma   120.000
#
_symmetry.space_group_name_H-M   'P 32 2 1'
#
loop_
_entity.id
_entity.type
_entity.pdbx_description
1 polymer PqsE
2 non-polymer 'FE (III) ION'
3 non-polymer '2-pyrrol-1-ylbenzoic acid'
4 water water
#
_entity_poly.entity_id   1
_entity_poly.type   'polypeptide(L)'
_entity_poly.pdbx_seq_one_letter_code
;GHMLRLSAPGQLDDDLCLLGDVQVPVFLLRLGEASWALVEGGISRDAELVWADLCRWVADPSQVHYWLITHKHYDHCGLL
PYLCPRLPNVQVLASERTCQAWKSESAVRVVERLNRQLLRAEQRLPEACAWDALPVRAVADGEWLELGPRHRLQVIEAHG
HSDDHVVFYDVRRRRLFCGDALGEFDEAEGVWRPLVFDDMEAYLESLERLQRLPTLLQLIPGHGGLLRGRLAADGAESAY
TECLRLCRRLLWRQSMGESLDELSEELHRAWGGQSVDFLPGELHLGSMRRMLEILSRQALPLD
;
_entity_poly.pdbx_strand_id   A
#
# COMPACT_ATOMS: atom_id res chain seq x y z
N GLY A 1 -15.52 -8.65 10.16
CA GLY A 1 -15.95 -8.29 11.54
C GLY A 1 -15.17 -9.04 12.60
N HIS A 2 -14.02 -8.47 12.99
CA HIS A 2 -13.15 -9.11 13.97
C HIS A 2 -12.73 -8.10 15.02
N MET A 3 -12.36 -8.61 16.19
CA MET A 3 -11.93 -7.75 17.29
C MET A 3 -10.63 -7.05 16.98
N LEU A 4 -9.71 -7.72 16.29
CA LEU A 4 -8.36 -7.24 16.06
C LEU A 4 -8.18 -6.59 14.70
N ARG A 5 -9.27 -6.34 13.98
CA ARG A 5 -9.18 -5.76 12.63
C ARG A 5 -10.30 -4.74 12.47
N LEU A 6 -9.93 -3.48 12.36
CA LEU A 6 -10.88 -2.41 12.02
C LEU A 6 -10.95 -2.28 10.51
N SER A 7 -12.12 -2.52 9.94
CA SER A 7 -12.29 -2.57 8.49
C SER A 7 -13.57 -1.86 8.07
N ALA A 8 -13.84 -0.70 8.67
CA ALA A 8 -14.97 0.12 8.28
C ALA A 8 -14.50 1.56 8.08
N PRO A 9 -15.06 2.28 7.11
CA PRO A 9 -14.66 3.67 6.93
C PRO A 9 -15.12 4.53 8.10
N GLY A 10 -14.39 5.62 8.31
CA GLY A 10 -14.64 6.51 9.44
C GLY A 10 -13.46 6.53 10.38
N GLN A 11 -13.75 6.86 11.64
CA GLN A 11 -12.71 7.06 12.63
C GLN A 11 -12.17 5.73 13.14
N LEU A 12 -10.84 5.60 13.15
CA LEU A 12 -10.16 4.43 13.68
C LEU A 12 -9.49 4.69 15.02
N ASP A 13 -8.96 5.89 15.22
CA ASP A 13 -8.31 6.26 16.48
C ASP A 13 -8.60 7.74 16.71
N ASP A 14 -8.11 8.26 17.85
CA ASP A 14 -8.36 9.66 18.18
CA ASP A 14 -8.36 9.65 18.17
C ASP A 14 -7.84 10.59 17.08
N ASP A 15 -6.80 10.17 16.35
CA ASP A 15 -6.17 11.00 15.34
C ASP A 15 -6.31 10.45 13.93
N LEU A 16 -6.99 9.31 13.76
CA LEU A 16 -6.91 8.56 12.51
C LEU A 16 -8.31 8.22 12.00
N CYS A 17 -8.50 8.40 10.69
CA CYS A 17 -9.73 8.02 10.01
C CYS A 17 -9.40 7.26 8.74
N LEU A 18 -10.32 6.38 8.34
CA LEU A 18 -10.23 5.67 7.08
C LEU A 18 -11.16 6.32 6.08
N LEU A 19 -10.60 6.78 4.96
CA LEU A 19 -11.37 7.38 3.88
C LEU A 19 -11.53 6.39 2.73
N GLY A 20 -12.69 6.43 2.08
CA GLY A 20 -12.90 5.65 0.88
C GLY A 20 -13.14 4.17 1.18
N ASP A 21 -12.77 3.33 0.22
CA ASP A 21 -12.99 1.90 0.33
CA ASP A 21 -12.99 1.90 0.32
C ASP A 21 -11.90 1.25 1.18
N VAL A 22 -12.31 0.31 2.03
CA VAL A 22 -11.37 -0.36 2.93
C VAL A 22 -10.36 -1.18 2.14
N GLN A 23 -10.71 -1.62 0.94
CA GLN A 23 -9.77 -2.43 0.16
C GLN A 23 -8.69 -1.60 -0.51
N VAL A 24 -8.94 -0.32 -0.73
CA VAL A 24 -7.92 0.61 -1.24
CA VAL A 24 -7.91 0.61 -1.23
C VAL A 24 -8.09 1.91 -0.47
N PRO A 25 -7.79 1.94 0.83
CA PRO A 25 -8.13 3.11 1.64
C PRO A 25 -7.10 4.21 1.58
N VAL A 26 -7.56 5.42 1.92
CA VAL A 26 -6.72 6.57 2.19
C VAL A 26 -6.91 6.94 3.65
N PHE A 27 -5.82 7.03 4.38
CA PHE A 27 -5.86 7.29 5.81
C PHE A 27 -5.64 8.76 6.09
N LEU A 28 -6.41 9.31 7.04
CA LEU A 28 -6.38 10.72 7.37
C LEU A 28 -5.85 10.89 8.79
N LEU A 29 -4.77 11.65 8.93
CA LEU A 29 -4.17 11.95 10.22
C LEU A 29 -4.43 13.41 10.57
N ARG A 30 -4.96 13.64 11.77
CA ARG A 30 -5.14 15.01 12.27
C ARG A 30 -3.88 15.41 13.03
N LEU A 31 -3.12 16.35 12.46
CA LEU A 31 -1.87 16.79 13.08
C LEU A 31 -2.12 17.88 14.11
N GLY A 32 -3.16 18.68 13.92
CA GLY A 32 -3.52 19.72 14.84
C GLY A 32 -4.94 20.16 14.60
N GLU A 33 -5.32 21.29 15.20
CA GLU A 33 -6.66 21.81 15.00
C GLU A 33 -6.87 22.34 13.60
N ALA A 34 -5.79 22.68 12.89
CA ALA A 34 -5.87 23.20 11.54
C ALA A 34 -4.76 22.61 10.67
N SER A 35 -4.50 21.31 10.82
CA SER A 35 -3.44 20.65 10.08
C SER A 35 -3.76 19.18 9.96
N TRP A 36 -3.65 18.64 8.73
CA TRP A 36 -3.99 17.25 8.47
C TRP A 36 -2.97 16.66 7.50
N ALA A 37 -2.93 15.32 7.46
CA ALA A 37 -2.07 14.60 6.54
C ALA A 37 -2.83 13.39 5.98
N LEU A 38 -2.39 12.93 4.81
CA LEU A 38 -2.92 11.73 4.19
C LEU A 38 -1.81 10.69 4.03
N VAL A 39 -2.20 9.42 4.04
CA VAL A 39 -1.27 8.31 3.87
C VAL A 39 -1.89 7.32 2.89
N GLU A 40 -1.11 6.93 1.86
CA GLU A 40 -1.52 6.05 0.77
C GLU A 40 -2.33 6.84 -0.26
N GLY A 41 -2.12 6.53 -1.55
CA GLY A 41 -2.65 7.34 -2.64
C GLY A 41 -3.74 6.69 -3.46
N GLY A 42 -4.18 5.50 -3.09
CA GLY A 42 -5.37 4.89 -3.65
C GLY A 42 -5.43 4.74 -5.16
N ILE A 43 -6.64 4.61 -5.70
CA ILE A 43 -6.87 4.45 -7.13
C ILE A 43 -7.62 5.67 -7.65
N SER A 44 -7.44 5.95 -8.94
CA SER A 44 -7.93 7.20 -9.51
C SER A 44 -9.46 7.30 -9.44
N ARG A 45 -10.16 6.19 -9.73
CA ARG A 45 -11.62 6.25 -9.82
C ARG A 45 -12.27 6.61 -8.49
N ASP A 46 -11.56 6.47 -7.37
CA ASP A 46 -12.08 6.81 -6.05
C ASP A 46 -11.90 8.28 -5.70
N ALA A 47 -11.53 9.12 -6.67
CA ALA A 47 -11.24 10.52 -6.37
C ALA A 47 -12.43 11.20 -5.70
N GLU A 48 -13.64 11.02 -6.25
CA GLU A 48 -14.79 11.72 -5.70
C GLU A 48 -15.26 11.10 -4.40
N LEU A 49 -15.14 9.77 -4.26
CA LEU A 49 -15.48 9.12 -3.00
C LEU A 49 -14.58 9.62 -1.87
N VAL A 50 -13.26 9.52 -2.08
CA VAL A 50 -12.31 9.96 -1.06
C VAL A 50 -12.51 11.44 -0.75
N TRP A 51 -12.65 12.27 -1.78
CA TRP A 51 -12.86 13.69 -1.56
C TRP A 51 -14.12 13.93 -0.74
N ALA A 52 -15.21 13.23 -1.05
CA ALA A 52 -16.43 13.36 -0.27
C ALA A 52 -16.17 13.03 1.20
N ASP A 53 -15.58 11.86 1.46
CA ASP A 53 -15.26 11.49 2.84
C ASP A 53 -14.38 12.54 3.50
N LEU A 54 -13.34 12.99 2.79
CA LEU A 54 -12.41 13.95 3.37
C LEU A 54 -13.13 15.21 3.85
N CYS A 55 -13.97 15.79 3.00
CA CYS A 55 -14.62 17.05 3.33
C CYS A 55 -15.55 16.94 4.53
N ARG A 56 -15.95 15.72 4.91
CA ARG A 56 -16.78 15.54 6.09
C ARG A 56 -15.97 15.62 7.37
N TRP A 57 -14.63 15.52 7.28
CA TRP A 57 -13.75 15.69 8.42
C TRP A 57 -12.96 16.99 8.38
N VAL A 58 -12.64 17.49 7.18
CA VAL A 58 -11.80 18.66 7.01
C VAL A 58 -12.67 19.76 6.41
N ALA A 59 -12.99 20.78 7.21
CA ALA A 59 -13.81 21.88 6.71
C ALA A 59 -13.07 22.71 5.68
N ASP A 60 -11.76 22.85 5.81
CA ASP A 60 -10.93 23.62 4.88
C ASP A 60 -9.86 22.73 4.29
N PRO A 61 -10.01 22.29 3.03
CA PRO A 61 -9.00 21.37 2.45
C PRO A 61 -7.61 21.97 2.38
N SER A 62 -7.46 23.29 2.47
CA SER A 62 -6.13 23.89 2.46
C SER A 62 -5.32 23.53 3.70
N GLN A 63 -5.94 22.93 4.72
CA GLN A 63 -5.22 22.49 5.91
C GLN A 63 -4.58 21.12 5.74
N VAL A 64 -4.79 20.45 4.60
CA VAL A 64 -4.10 19.21 4.30
C VAL A 64 -2.71 19.57 3.78
N HIS A 65 -1.68 19.25 4.57
CA HIS A 65 -0.33 19.72 4.29
C HIS A 65 0.63 18.63 3.81
N TYR A 66 0.33 17.35 4.06
CA TYR A 66 1.23 16.28 3.68
C TYR A 66 0.44 15.09 3.15
N TRP A 67 1.04 14.38 2.20
CA TRP A 67 0.46 13.18 1.63
C TRP A 67 1.58 12.15 1.47
N LEU A 68 1.57 11.13 2.33
CA LEU A 68 2.64 10.14 2.38
C LEU A 68 2.32 8.98 1.46
N ILE A 69 3.30 8.57 0.66
CA ILE A 69 3.13 7.53 -0.34
C ILE A 69 4.14 6.42 -0.07
N THR A 70 3.66 5.17 -0.10
CA THR A 70 4.53 4.03 0.17
C THR A 70 5.30 3.56 -1.07
N HIS A 71 4.62 3.46 -2.22
CA HIS A 71 5.32 3.03 -3.42
C HIS A 71 4.49 3.42 -4.65
N LYS A 72 5.05 3.10 -5.82
CA LYS A 72 4.60 3.65 -7.09
C LYS A 72 3.50 2.85 -7.76
N HIS A 73 3.06 1.73 -7.18
CA HIS A 73 2.05 0.91 -7.83
C HIS A 73 0.79 1.71 -8.07
N TYR A 74 0.06 1.35 -9.14
CA TYR A 74 -1.09 2.13 -9.58
C TYR A 74 -2.13 2.28 -8.49
N ASP A 75 -2.26 1.31 -7.59
CA ASP A 75 -3.27 1.33 -6.55
C ASP A 75 -2.81 2.05 -5.29
N HIS A 76 -1.68 2.76 -5.35
CA HIS A 76 -1.16 3.49 -4.19
C HIS A 76 -0.77 4.93 -4.53
N CYS A 77 -1.06 5.39 -5.74
CA CYS A 77 -0.78 6.79 -6.08
C CYS A 77 -1.72 7.31 -7.16
N GLY A 78 -2.78 6.58 -7.53
CA GLY A 78 -3.65 7.01 -8.61
C GLY A 78 -4.46 8.26 -8.30
N LEU A 79 -4.63 8.59 -7.02
CA LEU A 79 -5.41 9.76 -6.63
C LEU A 79 -4.62 11.06 -6.74
N LEU A 80 -3.30 11.00 -6.81
CA LEU A 80 -2.49 12.21 -6.69
C LEU A 80 -2.82 13.24 -7.75
N PRO A 81 -2.86 12.91 -9.05
CA PRO A 81 -3.14 13.96 -10.04
C PRO A 81 -4.50 14.60 -9.90
N TYR A 82 -5.47 13.89 -9.32
CA TYR A 82 -6.86 14.31 -9.36
C TYR A 82 -7.30 15.03 -8.10
N LEU A 83 -6.61 14.86 -6.97
CA LEU A 83 -6.96 15.54 -5.73
C LEU A 83 -5.95 16.60 -5.33
N CYS A 84 -4.68 16.45 -5.69
CA CYS A 84 -3.71 17.50 -5.41
C CYS A 84 -4.16 18.87 -5.91
N PRO A 85 -4.82 19.01 -7.06
CA PRO A 85 -5.39 20.32 -7.41
C PRO A 85 -6.29 20.89 -6.33
N ARG A 86 -7.08 20.05 -5.68
CA ARG A 86 -8.00 20.49 -4.63
C ARG A 86 -7.33 20.64 -3.28
N LEU A 87 -6.02 20.37 -3.17
CA LEU A 87 -5.27 20.48 -1.93
C LEU A 87 -4.12 21.45 -2.17
N PRO A 88 -4.37 22.76 -2.10
CA PRO A 88 -3.36 23.73 -2.53
C PRO A 88 -2.08 23.71 -1.70
N ASN A 89 -2.15 23.37 -0.42
CA ASN A 89 -1.00 23.43 0.47
C ASN A 89 -0.36 22.07 0.70
N VAL A 90 -0.80 21.02 0.00
CA VAL A 90 -0.30 19.68 0.28
C VAL A 90 1.10 19.53 -0.31
N GLN A 91 1.89 18.67 0.33
CA GLN A 91 3.21 18.28 -0.17
C GLN A 91 3.28 16.76 -0.15
N VAL A 92 3.55 16.17 -1.32
CA VAL A 92 3.60 14.72 -1.43
C VAL A 92 4.98 14.24 -1.00
N LEU A 93 5.01 13.34 -0.02
CA LEU A 93 6.25 12.79 0.51
C LEU A 93 6.39 11.36 0.00
N ALA A 94 7.45 11.11 -0.78
CA ALA A 94 7.67 9.81 -1.39
C ALA A 94 9.16 9.55 -1.50
N SER A 95 9.51 8.28 -1.70
CA SER A 95 10.90 7.89 -1.83
C SER A 95 11.46 8.38 -3.17
N GLU A 96 12.79 8.52 -3.21
CA GLU A 96 13.45 9.00 -4.43
C GLU A 96 13.01 8.20 -5.64
N ARG A 97 13.11 6.86 -5.56
CA ARG A 97 12.71 6.02 -6.68
C ARG A 97 11.24 6.22 -7.02
N THR A 98 10.38 6.33 -6.00
CA THR A 98 8.96 6.57 -6.27
C THR A 98 8.76 7.86 -7.06
N CYS A 99 9.53 8.90 -6.72
CA CYS A 99 9.46 10.16 -7.47
C CYS A 99 9.92 9.97 -8.90
N GLN A 100 10.95 9.15 -9.12
CA GLN A 100 11.44 8.92 -10.47
C GLN A 100 10.39 8.30 -11.35
N ALA A 101 9.56 7.41 -10.79
CA ALA A 101 8.51 6.77 -11.57
C ALA A 101 7.53 7.78 -12.13
N TRP A 102 7.27 8.87 -11.38
CA TRP A 102 6.35 9.90 -11.82
C TRP A 102 6.96 10.82 -12.87
N LYS A 103 8.27 10.80 -13.04
CA LYS A 103 8.93 11.55 -14.10
C LYS A 103 9.23 10.69 -15.32
N SER A 104 8.68 9.48 -15.37
CA SER A 104 8.88 8.55 -16.48
C SER A 104 7.55 8.39 -17.22
N GLU A 105 7.54 8.78 -18.50
CA GLU A 105 6.30 8.69 -19.28
C GLU A 105 5.84 7.24 -19.42
N SER A 106 6.77 6.30 -19.50
CA SER A 106 6.39 4.89 -19.62
C SER A 106 5.80 4.37 -18.32
N ALA A 107 6.42 4.71 -17.18
CA ALA A 107 5.88 4.29 -15.89
C ALA A 107 4.51 4.92 -15.64
N VAL A 108 4.37 6.21 -15.92
CA VAL A 108 3.08 6.87 -15.80
C VAL A 108 2.06 6.21 -16.71
N ARG A 109 2.48 5.85 -17.93
CA ARG A 109 1.57 5.23 -18.89
C ARG A 109 0.91 3.99 -18.30
N VAL A 110 1.67 3.18 -17.58
CA VAL A 110 1.12 1.96 -17.00
C VAL A 110 0.16 2.31 -15.86
N VAL A 111 0.55 3.25 -14.99
CA VAL A 111 -0.31 3.64 -13.88
C VAL A 111 -1.67 4.10 -14.40
N GLU A 112 -1.66 4.98 -15.40
CA GLU A 112 -2.92 5.48 -15.94
C GLU A 112 -3.72 4.37 -16.59
N ARG A 113 -3.06 3.49 -17.35
CA ARG A 113 -3.76 2.42 -18.03
C ARG A 113 -4.53 1.54 -17.03
N LEU A 114 -3.83 1.05 -16.00
CA LEU A 114 -4.47 0.17 -15.03
C LEU A 114 -5.60 0.86 -14.29
N ASN A 115 -5.45 2.17 -14.01
CA ASN A 115 -6.50 2.89 -13.30
C ASN A 115 -7.72 3.11 -14.17
N ARG A 116 -7.53 3.34 -15.48
CA ARG A 116 -8.67 3.57 -16.36
C ARG A 116 -9.51 2.31 -16.51
N GLN A 117 -8.91 1.12 -16.38
CA GLN A 117 -9.68 -0.11 -16.42
C GLN A 117 -10.66 -0.23 -15.26
N LEU A 118 -10.40 0.47 -14.16
CA LEU A 118 -11.27 0.44 -12.99
C LEU A 118 -12.38 1.49 -13.06
N LEU A 119 -12.39 2.33 -14.07
CA LEU A 119 -13.42 3.36 -14.18
C LEU A 119 -14.76 2.72 -14.52
N ARG A 120 -15.81 3.15 -13.83
CA ARG A 120 -17.15 2.71 -14.16
C ARG A 120 -17.60 3.35 -15.47
N ALA A 121 -18.54 2.68 -16.14
CA ALA A 121 -19.06 3.19 -17.40
C ALA A 121 -19.62 4.60 -17.21
N GLU A 122 -19.20 5.52 -18.09
CA GLU A 122 -19.65 6.91 -18.08
C GLU A 122 -19.14 7.69 -16.87
N GLN A 123 -18.08 7.19 -16.22
CA GLN A 123 -17.49 7.89 -15.08
C GLN A 123 -16.41 8.85 -15.58
N ARG A 124 -16.45 10.09 -15.11
CA ARG A 124 -15.53 11.13 -15.52
C ARG A 124 -14.59 11.47 -14.38
N LEU A 125 -13.30 11.73 -14.73
CA LEU A 125 -12.30 12.08 -13.73
C LEU A 125 -12.11 13.59 -13.66
N PRO A 126 -11.76 14.14 -12.49
CA PRO A 126 -11.59 15.59 -12.37
C PRO A 126 -10.43 16.12 -13.21
N GLU A 127 -10.28 17.44 -13.24
CA GLU A 127 -9.12 18.04 -13.88
C GLU A 127 -7.85 17.62 -13.15
N ALA A 128 -6.94 16.97 -13.87
CA ALA A 128 -5.80 16.30 -13.26
C ALA A 128 -4.53 17.11 -13.44
N CYS A 129 -3.69 17.09 -12.39
CA CYS A 129 -2.37 17.69 -12.47
CA CYS A 129 -2.37 17.69 -12.47
C CYS A 129 -1.41 16.77 -13.22
N ALA A 130 -0.45 17.37 -13.91
CA ALA A 130 0.55 16.58 -14.60
C ALA A 130 1.36 15.76 -13.61
N TRP A 131 1.55 14.47 -13.91
CA TRP A 131 2.30 13.61 -13.00
C TRP A 131 3.66 14.20 -12.66
N ASP A 132 4.33 14.81 -13.64
CA ASP A 132 5.62 15.42 -13.41
C ASP A 132 5.52 16.77 -12.70
N ALA A 133 4.31 17.27 -12.46
CA ALA A 133 4.11 18.56 -11.82
C ALA A 133 3.57 18.44 -10.40
N LEU A 134 3.51 17.23 -9.85
CA LEU A 134 3.03 17.06 -8.50
C LEU A 134 3.96 17.75 -7.49
N PRO A 135 3.34 18.36 -6.29
CA PRO A 135 4.19 19.00 -5.26
C PRO A 135 4.87 17.95 -4.38
N VAL A 136 5.89 17.31 -4.94
CA VAL A 136 6.55 16.18 -4.31
CA VAL A 136 6.54 16.18 -4.30
C VAL A 136 7.78 16.66 -3.57
N ARG A 137 8.15 15.93 -2.52
CA ARG A 137 9.39 16.16 -1.78
C ARG A 137 9.98 14.79 -1.48
N ALA A 138 11.13 14.50 -2.09
CA ALA A 138 11.75 13.19 -1.93
C ALA A 138 12.25 13.00 -0.50
N VAL A 139 11.94 11.85 0.09
CA VAL A 139 12.40 11.50 1.42
C VAL A 139 13.32 10.29 1.32
N ALA A 140 14.25 10.19 2.27
CA ALA A 140 15.27 9.17 2.26
C ALA A 140 15.08 8.19 3.42
N ASP A 141 15.74 7.04 3.30
CA ASP A 141 15.66 6.01 4.32
C ASP A 141 16.15 6.54 5.66
N GLY A 142 15.38 6.30 6.71
CA GLY A 142 15.74 6.73 8.04
C GLY A 142 15.38 8.17 8.37
N GLU A 143 14.88 8.93 7.41
CA GLU A 143 14.54 10.33 7.67
C GLU A 143 13.31 10.41 8.58
N TRP A 144 13.32 11.41 9.46
CA TRP A 144 12.21 11.66 10.37
C TRP A 144 11.32 12.75 9.79
N LEU A 145 10.02 12.48 9.73
CA LEU A 145 9.04 13.40 9.16
C LEU A 145 8.33 14.10 10.33
N GLU A 146 8.70 15.36 10.57
CA GLU A 146 8.08 16.17 11.60
C GLU A 146 6.77 16.73 11.06
N LEU A 147 5.72 15.89 11.10
CA LEU A 147 4.43 16.29 10.56
C LEU A 147 3.70 17.22 11.50
N GLY A 148 3.80 16.98 12.81
CA GLY A 148 3.14 17.82 13.79
C GLY A 148 3.75 17.66 15.17
N PRO A 149 3.23 18.38 16.15
CA PRO A 149 3.79 18.29 17.51
C PRO A 149 3.63 16.92 18.14
N ARG A 150 2.64 16.14 17.71
CA ARG A 150 2.41 14.79 18.25
C ARG A 150 2.47 13.72 17.16
N HIS A 151 3.05 14.05 16.00
CA HIS A 151 3.16 13.10 14.90
C HIS A 151 4.57 13.19 14.32
N ARG A 152 5.39 12.19 14.60
CA ARG A 152 6.78 12.12 14.13
C ARG A 152 6.97 10.72 13.55
N LEU A 153 7.01 10.63 12.24
CA LEU A 153 7.08 9.35 11.54
C LEU A 153 8.43 9.19 10.85
N GLN A 154 8.98 7.97 10.92
CA GLN A 154 10.27 7.67 10.34
C GLN A 154 10.11 6.90 9.03
N VAL A 155 10.89 7.29 8.03
CA VAL A 155 10.89 6.59 6.74
C VAL A 155 11.82 5.40 6.83
N ILE A 156 11.30 4.21 6.54
CA ILE A 156 12.08 2.98 6.57
C ILE A 156 11.97 2.33 5.20
N GLU A 157 13.11 2.14 4.53
CA GLU A 157 13.12 1.47 3.24
C GLU A 157 12.69 0.02 3.41
N ALA A 158 11.80 -0.44 2.53
CA ALA A 158 11.23 -1.77 2.63
C ALA A 158 11.06 -2.36 1.23
N HIS A 159 12.17 -2.48 0.51
CA HIS A 159 12.13 -3.00 -0.85
C HIS A 159 11.82 -4.50 -0.86
N GLY A 160 11.43 -4.99 -2.02
CA GLY A 160 11.07 -6.39 -2.20
C GLY A 160 9.77 -6.55 -2.93
N HIS A 161 8.67 -6.07 -2.35
CA HIS A 161 7.42 -5.97 -3.08
C HIS A 161 7.60 -5.15 -4.34
N SER A 162 8.24 -3.99 -4.22
CA SER A 162 8.65 -3.18 -5.35
C SER A 162 10.00 -2.57 -5.01
N ASP A 163 10.73 -2.17 -6.05
CA ASP A 163 12.09 -1.67 -5.85
C ASP A 163 12.13 -0.26 -5.28
N ASP A 164 10.98 0.34 -4.97
CA ASP A 164 10.91 1.69 -4.41
C ASP A 164 10.19 1.75 -3.08
N HIS A 165 9.74 0.62 -2.54
CA HIS A 165 8.78 0.62 -1.45
C HIS A 165 9.41 1.14 -0.16
N VAL A 166 8.63 1.94 0.58
CA VAL A 166 9.01 2.42 1.90
C VAL A 166 7.81 2.23 2.84
N VAL A 167 8.08 2.34 4.13
CA VAL A 167 7.06 2.29 5.16
C VAL A 167 7.28 3.47 6.11
N PHE A 168 6.25 3.77 6.90
CA PHE A 168 6.27 4.93 7.79
C PHE A 168 5.91 4.46 9.20
N TYR A 169 6.80 4.73 10.16
CA TYR A 169 6.66 4.23 11.52
C TYR A 169 6.44 5.40 12.47
N ASP A 170 5.33 5.36 13.20
CA ASP A 170 5.01 6.33 14.24
C ASP A 170 5.34 5.66 15.58
N VAL A 171 6.56 5.91 16.07
CA VAL A 171 7.02 5.20 17.26
C VAL A 171 6.20 5.62 18.48
N ARG A 172 5.74 6.86 18.54
CA ARG A 172 4.93 7.31 19.67
C ARG A 172 3.71 6.40 19.85
N ARG A 173 3.09 5.98 18.75
CA ARG A 173 1.87 5.18 18.80
C ARG A 173 2.12 3.72 18.43
N ARG A 174 3.36 3.31 18.27
CA ARG A 174 3.68 1.95 17.84
C ARG A 174 2.86 1.57 16.60
N ARG A 175 2.79 2.50 15.65
CA ARG A 175 1.94 2.39 14.48
C ARG A 175 2.81 2.36 13.23
N LEU A 176 2.59 1.36 12.38
CA LEU A 176 3.38 1.18 11.16
C LEU A 176 2.46 1.15 9.95
N PHE A 177 2.62 2.11 9.05
CA PHE A 177 2.00 2.08 7.73
C PHE A 177 2.93 1.27 6.82
N CYS A 178 2.61 -0.01 6.61
CA CYS A 178 3.53 -0.94 5.97
C CYS A 178 3.22 -1.17 4.49
N GLY A 179 2.21 -0.52 3.93
CA GLY A 179 1.90 -0.71 2.52
C GLY A 179 1.68 -2.17 2.19
N ASP A 180 2.36 -2.65 1.14
CA ASP A 180 2.27 -4.05 0.71
C ASP A 180 3.50 -4.85 1.12
N ALA A 181 4.37 -4.31 1.98
CA ALA A 181 5.62 -4.98 2.28
C ALA A 181 5.41 -6.33 2.96
N LEU A 182 4.31 -6.48 3.70
CA LEU A 182 4.00 -7.74 4.35
C LEU A 182 3.10 -8.64 3.51
N GLY A 183 2.60 -8.16 2.39
CA GLY A 183 1.71 -8.91 1.54
C GLY A 183 0.27 -8.45 1.64
N GLU A 184 -0.64 -9.37 1.31
CA GLU A 184 -2.07 -9.13 1.37
C GLU A 184 -2.66 -9.93 2.52
N PHE A 185 -3.25 -9.23 3.48
CA PHE A 185 -3.85 -9.92 4.61
C PHE A 185 -5.10 -10.68 4.18
N ASP A 186 -5.15 -11.97 4.51
CA ASP A 186 -6.29 -12.81 4.16
C ASP A 186 -7.39 -12.61 5.21
N GLU A 187 -8.48 -11.98 4.78
CA GLU A 187 -9.56 -11.65 5.72
C GLU A 187 -10.28 -12.89 6.21
N ALA A 188 -10.38 -13.93 5.38
CA ALA A 188 -11.12 -15.13 5.77
C ALA A 188 -10.29 -16.05 6.66
N GLU A 189 -8.97 -16.09 6.47
CA GLU A 189 -8.12 -17.02 7.19
C GLU A 189 -7.22 -16.36 8.24
N GLY A 190 -7.03 -15.06 8.18
CA GLY A 190 -6.24 -14.37 9.18
C GLY A 190 -4.74 -14.54 9.04
N VAL A 191 -4.26 -14.81 7.83
CA VAL A 191 -2.83 -14.92 7.56
C VAL A 191 -2.47 -14.00 6.41
N TRP A 192 -1.18 -13.75 6.26
CA TRP A 192 -0.67 -12.89 5.20
C TRP A 192 -0.44 -13.67 3.92
N ARG A 193 -0.81 -13.06 2.79
CA ARG A 193 -0.53 -13.62 1.48
C ARG A 193 0.66 -12.89 0.88
N PRO A 194 1.78 -13.55 0.59
CA PRO A 194 2.96 -12.84 0.12
C PRO A 194 2.71 -12.12 -1.21
N LEU A 195 3.35 -10.96 -1.37
CA LEU A 195 3.30 -10.16 -2.60
C LEU A 195 4.74 -9.82 -2.99
N VAL A 196 5.45 -10.80 -3.54
CA VAL A 196 6.85 -10.65 -3.92
C VAL A 196 6.87 -10.43 -5.43
N PHE A 197 6.89 -9.17 -5.86
CA PHE A 197 6.82 -8.82 -7.28
C PHE A 197 8.09 -8.17 -7.80
N ASP A 198 9.16 -8.16 -7.01
CA ASP A 198 10.43 -7.56 -7.47
C ASP A 198 11.63 -8.40 -7.05
N ASP A 199 11.85 -8.55 -5.75
CA ASP A 199 13.03 -9.24 -5.26
C ASP A 199 12.69 -9.96 -3.96
N MET A 200 12.91 -11.28 -3.93
CA MET A 200 12.57 -12.05 -2.74
C MET A 200 13.54 -11.79 -1.60
N GLU A 201 14.84 -11.77 -1.90
CA GLU A 201 15.84 -11.55 -0.86
C GLU A 201 15.60 -10.21 -0.16
N ALA A 202 15.39 -9.15 -0.93
CA ALA A 202 15.09 -7.85 -0.33
C ALA A 202 13.77 -7.90 0.42
N TYR A 203 12.77 -8.59 -0.13
CA TYR A 203 11.48 -8.74 0.54
C TYR A 203 11.66 -9.33 1.94
N LEU A 204 12.37 -10.45 2.03
CA LEU A 204 12.61 -11.06 3.33
C LEU A 204 13.50 -10.20 4.21
N GLU A 205 14.54 -9.59 3.62
CA GLU A 205 15.41 -8.72 4.39
C GLU A 205 14.64 -7.56 5.01
N SER A 206 13.71 -6.97 4.25
CA SER A 206 12.90 -5.88 4.79
C SER A 206 12.08 -6.34 5.98
N LEU A 207 11.45 -7.52 5.88
CA LEU A 207 10.67 -8.03 7.00
C LEU A 207 11.53 -8.31 8.22
N GLU A 208 12.79 -8.73 8.02
CA GLU A 208 13.69 -8.93 9.14
C GLU A 208 13.95 -7.62 9.86
N ARG A 209 14.19 -6.55 9.12
CA ARG A 209 14.42 -5.24 9.75
C ARG A 209 13.17 -4.76 10.48
N LEU A 210 11.99 -4.94 9.88
CA LEU A 210 10.77 -4.47 10.52
C LEU A 210 10.45 -5.27 11.77
N GLN A 211 10.87 -6.53 11.83
CA GLN A 211 10.67 -7.31 13.05
C GLN A 211 11.42 -6.72 14.22
N ARG A 212 12.50 -5.98 13.97
CA ARG A 212 13.31 -5.42 15.03
C ARG A 212 12.74 -4.12 15.61
N LEU A 213 11.68 -3.57 14.99
CA LEU A 213 11.04 -2.40 15.55
C LEU A 213 10.48 -2.70 16.93
N PRO A 214 10.31 -1.68 17.78
CA PRO A 214 9.60 -1.89 19.05
C PRO A 214 8.22 -2.48 18.79
N THR A 215 7.75 -3.29 19.74
CA THR A 215 6.49 -4.01 19.58
C THR A 215 5.40 -3.10 19.03
N LEU A 216 4.80 -3.49 17.91
CA LEU A 216 3.77 -2.69 17.28
C LEU A 216 2.44 -2.84 18.00
N LEU A 217 1.69 -1.74 18.06
CA LEU A 217 0.31 -1.75 18.53
C LEU A 217 -0.70 -1.67 17.40
N GLN A 218 -0.34 -1.03 16.29
CA GLN A 218 -1.23 -0.87 15.15
C GLN A 218 -0.45 -1.11 13.87
N LEU A 219 -0.97 -2.00 13.03
CA LEU A 219 -0.34 -2.34 11.75
C LEU A 219 -1.33 -2.02 10.64
N ILE A 220 -0.92 -1.16 9.72
CA ILE A 220 -1.83 -0.61 8.72
C ILE A 220 -1.27 -0.88 7.33
N PRO A 221 -1.65 -1.97 6.68
CA PRO A 221 -1.16 -2.26 5.32
C PRO A 221 -1.89 -1.41 4.28
N GLY A 222 -1.52 -1.61 3.03
CA GLY A 222 -2.12 -0.88 1.93
C GLY A 222 -3.53 -1.31 1.60
N HIS A 223 -3.98 -2.47 2.08
CA HIS A 223 -5.29 -3.00 1.77
C HIS A 223 -5.85 -3.70 2.99
N GLY A 224 -7.12 -3.45 3.32
CA GLY A 224 -7.84 -4.24 4.29
C GLY A 224 -8.16 -3.56 5.61
N GLY A 225 -7.55 -2.42 5.92
CA GLY A 225 -7.87 -1.71 7.15
C GLY A 225 -6.75 -1.71 8.17
N LEU A 226 -7.10 -1.62 9.45
CA LEU A 226 -6.14 -1.52 10.53
C LEU A 226 -6.12 -2.81 11.34
N LEU A 227 -4.91 -3.28 11.66
CA LEU A 227 -4.72 -4.48 12.45
C LEU A 227 -4.09 -4.11 13.79
N ARG A 228 -4.53 -4.79 14.86
CA ARG A 228 -4.07 -4.50 16.21
C ARG A 228 -3.93 -5.81 16.98
N GLY A 229 -3.59 -5.68 18.27
CA GLY A 229 -3.37 -6.85 19.09
C GLY A 229 -2.24 -7.70 18.57
N ARG A 230 -2.40 -9.01 18.66
CA ARG A 230 -1.35 -9.92 18.22
C ARG A 230 -1.06 -9.77 16.73
N LEU A 231 -2.08 -9.45 15.93
CA LEU A 231 -1.88 -9.30 14.49
C LEU A 231 -0.83 -8.25 14.19
N ALA A 232 -0.85 -7.14 14.94
CA ALA A 232 0.15 -6.09 14.75
C ALA A 232 1.50 -6.51 15.33
N ALA A 233 1.50 -7.09 16.54
CA ALA A 233 2.75 -7.46 17.19
C ALA A 233 3.49 -8.53 16.41
N ASP A 234 2.78 -9.49 15.84
CA ASP A 234 3.39 -10.60 15.12
C ASP A 234 3.40 -10.42 13.61
N GLY A 235 2.93 -9.28 13.12
CA GLY A 235 2.78 -9.06 11.69
C GLY A 235 4.00 -9.35 10.86
N ALA A 236 5.10 -8.63 11.12
CA ALA A 236 6.30 -8.79 10.31
C ALA A 236 6.80 -10.23 10.33
N GLU A 237 6.81 -10.86 11.51
CA GLU A 237 7.28 -12.23 11.62
C GLU A 237 6.38 -13.19 10.85
N SER A 238 5.06 -13.04 11.00
CA SER A 238 4.13 -13.92 10.30
C SER A 238 4.25 -13.77 8.80
N ALA A 239 4.36 -12.53 8.31
CA ALA A 239 4.54 -12.31 6.87
C ALA A 239 5.81 -12.99 6.39
N TYR A 240 6.87 -12.96 7.20
CA TYR A 240 8.09 -13.68 6.86
C TYR A 240 7.83 -15.17 6.73
N THR A 241 7.15 -15.76 7.73
CA THR A 241 6.86 -17.19 7.71
C THR A 241 6.04 -17.58 6.49
N GLU A 242 5.01 -16.79 6.16
CA GLU A 242 4.15 -17.14 5.04
C GLU A 242 4.90 -17.10 3.71
N CYS A 243 5.89 -16.20 3.58
CA CYS A 243 6.68 -16.16 2.36
C CYS A 243 7.49 -17.44 2.20
N LEU A 244 8.23 -17.82 3.24
CA LEU A 244 8.96 -19.09 3.19
C LEU A 244 8.01 -20.26 2.92
N ARG A 245 6.83 -20.22 3.53
CA ARG A 245 5.86 -21.29 3.32
C ARG A 245 5.48 -21.41 1.85
N LEU A 246 5.30 -20.27 1.17
CA LEU A 246 5.00 -20.30 -0.26
C LEU A 246 6.18 -20.83 -1.06
N CYS A 247 7.40 -20.47 -0.65
N CYS A 247 7.40 -20.49 -0.64
CA CYS A 247 8.58 -20.98 -1.34
CA CYS A 247 8.59 -20.97 -1.34
C CYS A 247 8.65 -22.50 -1.27
C CYS A 247 8.69 -22.49 -1.27
N ARG A 248 8.57 -23.05 -0.06
CA ARG A 248 8.60 -24.50 0.09
C ARG A 248 7.48 -25.16 -0.70
N ARG A 249 6.29 -24.55 -0.68
CA ARG A 249 5.18 -25.05 -1.47
C ARG A 249 5.53 -25.04 -2.96
N LEU A 250 6.14 -23.97 -3.43
CA LEU A 250 6.55 -23.89 -4.83
C LEU A 250 7.56 -24.98 -5.16
N LEU A 251 8.59 -25.15 -4.32
CA LEU A 251 9.58 -26.19 -4.56
C LEU A 251 8.93 -27.57 -4.61
N TRP A 252 7.98 -27.82 -3.72
CA TRP A 252 7.31 -29.12 -3.70
C TRP A 252 6.59 -29.37 -5.02
N ARG A 253 5.85 -28.38 -5.52
CA ARG A 253 5.13 -28.54 -6.77
C ARG A 253 6.08 -28.78 -7.93
N GLN A 254 7.07 -27.89 -8.10
CA GLN A 254 8.01 -28.04 -9.20
C GLN A 254 8.71 -29.39 -9.17
N SER A 255 9.12 -29.84 -7.97
CA SER A 255 9.77 -31.13 -7.85
C SER A 255 8.89 -32.28 -8.34
N MET A 256 7.58 -32.05 -8.46
CA MET A 256 6.66 -33.03 -9.01
C MET A 256 6.36 -32.77 -10.49
N GLY A 257 7.28 -32.11 -11.19
CA GLY A 257 7.11 -31.85 -12.60
C GLY A 257 6.07 -30.81 -12.94
N GLU A 258 5.51 -30.11 -11.97
CA GLU A 258 4.50 -29.10 -12.23
C GLU A 258 5.13 -27.84 -12.81
N SER A 259 4.39 -27.19 -13.69
CA SER A 259 4.81 -25.92 -14.27
C SER A 259 4.33 -24.77 -13.40
N LEU A 260 5.03 -23.64 -13.51
CA LEU A 260 4.66 -22.45 -12.73
C LEU A 260 3.21 -22.07 -12.98
N ASP A 261 2.70 -22.34 -14.18
CA ASP A 261 1.30 -22.00 -14.48
C ASP A 261 0.34 -22.82 -13.63
N GLU A 262 0.75 -24.01 -13.20
CA GLU A 262 -0.14 -24.86 -12.42
C GLU A 262 -0.46 -24.23 -11.06
N LEU A 263 0.57 -23.81 -10.33
CA LEU A 263 0.35 -23.15 -9.04
C LEU A 263 -0.14 -21.72 -9.21
N SER A 264 0.19 -21.08 -10.34
CA SER A 264 -0.29 -19.73 -10.59
C SER A 264 -1.81 -19.68 -10.62
N GLU A 265 -2.43 -20.54 -11.44
CA GLU A 265 -3.88 -20.60 -11.51
C GLU A 265 -4.48 -20.90 -10.14
N GLU A 266 -3.83 -21.77 -9.37
CA GLU A 266 -4.33 -22.13 -8.06
C GLU A 266 -4.28 -20.95 -7.10
N LEU A 267 -3.16 -20.22 -7.10
CA LEU A 267 -3.07 -19.02 -6.26
C LEU A 267 -4.07 -17.96 -6.72
N HIS A 268 -4.17 -17.75 -8.04
CA HIS A 268 -5.12 -16.78 -8.56
C HIS A 268 -6.55 -17.13 -8.14
N ARG A 269 -6.93 -18.40 -8.29
CA ARG A 269 -8.28 -18.82 -7.92
C ARG A 269 -8.51 -18.70 -6.42
N ALA A 270 -7.48 -18.99 -5.62
CA ALA A 270 -7.62 -18.98 -4.18
C ALA A 270 -7.44 -17.60 -3.55
N TRP A 271 -6.75 -16.68 -4.24
CA TRP A 271 -6.44 -15.37 -3.68
C TRP A 271 -6.95 -14.20 -4.52
N GLY A 272 -7.33 -14.42 -5.78
CA GLY A 272 -7.73 -13.32 -6.63
C GLY A 272 -9.08 -12.71 -6.29
N GLY A 273 -9.88 -13.38 -5.46
CA GLY A 273 -11.22 -12.89 -5.19
C GLY A 273 -11.25 -11.65 -4.32
N GLN A 274 -10.22 -11.45 -3.50
CA GLN A 274 -10.23 -10.32 -2.56
C GLN A 274 -10.00 -8.99 -3.26
N SER A 275 -9.18 -8.98 -4.31
CA SER A 275 -8.80 -7.74 -4.99
C SER A 275 -9.49 -7.55 -6.33
N VAL A 276 -10.58 -8.29 -6.58
CA VAL A 276 -11.18 -8.27 -7.90
C VAL A 276 -11.81 -6.90 -8.20
N ASP A 277 -12.32 -6.22 -7.17
CA ASP A 277 -13.02 -4.97 -7.39
C ASP A 277 -12.09 -3.80 -7.71
N PHE A 278 -10.78 -3.95 -7.51
CA PHE A 278 -9.83 -2.90 -7.84
C PHE A 278 -8.59 -3.42 -8.55
N LEU A 279 -8.58 -4.68 -8.99
CA LEU A 279 -7.41 -5.27 -9.62
C LEU A 279 -7.86 -6.17 -10.77
N PRO A 280 -7.59 -5.80 -12.03
CA PRO A 280 -8.02 -6.65 -13.14
C PRO A 280 -7.55 -8.09 -12.97
N GLY A 281 -8.47 -9.03 -13.25
CA GLY A 281 -8.16 -10.43 -13.05
C GLY A 281 -6.88 -10.87 -13.73
N GLU A 282 -6.62 -10.33 -14.92
CA GLU A 282 -5.41 -10.69 -15.64
CA GLU A 282 -5.40 -10.69 -15.65
C GLU A 282 -4.16 -10.17 -14.93
N LEU A 283 -4.28 -9.03 -14.23
CA LEU A 283 -3.14 -8.51 -13.49
C LEU A 283 -2.82 -9.39 -12.30
N HIS A 284 -3.85 -9.90 -11.61
CA HIS A 284 -3.60 -10.76 -10.45
C HIS A 284 -2.94 -12.06 -10.87
N LEU A 285 -3.54 -12.77 -11.84
CA LEU A 285 -2.95 -14.00 -12.34
C LEU A 285 -1.52 -13.78 -12.81
N GLY A 286 -1.30 -12.72 -13.59
CA GLY A 286 0.05 -12.38 -14.01
C GLY A 286 0.96 -12.07 -12.84
N SER A 287 0.45 -11.33 -11.86
CA SER A 287 1.23 -11.03 -10.66
C SER A 287 1.63 -12.31 -9.94
N MET A 288 0.67 -13.23 -9.74
CA MET A 288 1.01 -14.52 -9.15
C MET A 288 2.09 -15.22 -9.96
N ARG A 289 1.99 -15.16 -11.29
CA ARG A 289 3.02 -15.76 -12.14
C ARG A 289 4.37 -15.09 -11.92
N ARG A 290 4.40 -13.76 -11.97
CA ARG A 290 5.66 -13.05 -11.77
C ARG A 290 6.28 -13.41 -10.41
N MET A 291 5.45 -13.54 -9.38
CA MET A 291 5.98 -13.85 -8.05
C MET A 291 6.63 -15.24 -8.04
N LEU A 292 5.92 -16.25 -8.53
CA LEU A 292 6.47 -17.60 -8.54
C LEU A 292 7.74 -17.66 -9.39
N GLU A 293 7.78 -16.89 -10.48
CA GLU A 293 9.00 -16.81 -11.28
C GLU A 293 10.15 -16.24 -10.46
N ILE A 294 9.87 -15.24 -9.62
CA ILE A 294 10.91 -14.66 -8.77
C ILE A 294 11.37 -15.68 -7.73
N LEU A 295 10.42 -16.33 -7.06
CA LEU A 295 10.78 -17.31 -6.04
C LEU A 295 11.57 -18.48 -6.65
N SER A 296 11.19 -18.90 -7.86
CA SER A 296 11.89 -20.00 -8.51
C SER A 296 13.34 -19.65 -8.78
N ARG A 297 13.59 -18.46 -9.31
CA ARG A 297 14.96 -18.06 -9.63
C ARG A 297 15.82 -17.97 -8.38
N GLN A 298 15.31 -17.31 -7.34
CA GLN A 298 16.05 -17.14 -6.09
C GLN A 298 15.94 -18.34 -5.16
N ALA A 299 15.65 -19.52 -5.70
CA ALA A 299 15.56 -20.74 -4.91
C ALA A 299 15.36 -21.94 -5.84
N LEU A 300 16.42 -22.37 -6.52
CA LEU A 300 16.33 -23.46 -7.48
C LEU A 300 17.73 -23.99 -7.79
N PRO A 301 17.86 -25.05 -8.60
CA PRO A 301 19.18 -25.60 -8.92
C PRO A 301 20.09 -24.59 -9.62
#